data_9K3O
#
_entry.id   9K3O
#
_cell.length_a   68.550
_cell.length_b   88.460
_cell.length_c   95.950
_cell.angle_alpha   90.00
_cell.angle_beta   90.00
_cell.angle_gamma   90.00
#
_symmetry.space_group_name_H-M   'P 21 21 21'
#
loop_
_entity.id
_entity.type
_entity.pdbx_description
1 polymer 'Cysteate synthase'
2 non-polymer '(2S)-2-[(E)-[2-methyl-3-oxidanyl-5-(phosphonooxymethyl)pyridin-4-yl]methylideneamino]-3-phosphonooxy-propanoic acid'
3 water water
#
_entity_poly.entity_id   1
_entity_poly.type   'polypeptide(L)'
_entity_poly.pdbx_seq_one_letter_code
;MKDFTPTPYTLECVATGREFEDTGWMLADPQCKTPSLVRAKYARRQLEVKPDEYGFYKFCDWLPVRRMLKGSSAPVTYKS
KGLARHLGLENLYITFNGYYPAIGATMSTCSFKETEAFSVCARAAEDEERVLVVASAGNTARAFAKVCSDNHIKLLLSVP
YDNIEALWFEHPLNPCVKLISCEKGGDYFDAIHLSDIALKGPGFYAEGGAKNIARRDGMATTVLSAVTTIGRIPDYYFQA
VGSGTGAIAAWEANMRLIEDGRFGSNTMKLMVSQNAPFVPMYDAWQAGSRKMLAYEDDKARRDAEIIDAKVLSNRRPPYG
ITGGLYDALKATGGEFFVATNAMARKARKLFKELEGVDIYSASGVALASLVNAVAAGKIEKDAVVMLNITGGGEEHFKED
KELWYLKPSHVFPLEPDTDDVVAKVEALFAKNIAE
;
_entity_poly.pdbx_strand_id   A
#
# COMPACT_ATOMS: atom_id res chain seq x y z
N MET A 1 -1.52 -1.89 -26.38
CA MET A 1 -2.72 -1.49 -25.66
C MET A 1 -3.99 -2.10 -26.27
N LYS A 2 -3.83 -2.76 -27.42
CA LYS A 2 -4.95 -3.37 -28.14
C LYS A 2 -6.24 -2.55 -28.03
N ASP A 3 -7.13 -2.97 -27.12
CA ASP A 3 -8.49 -2.46 -27.07
C ASP A 3 -8.71 -1.63 -25.82
N PHE A 4 -7.75 -0.80 -25.46
CA PHE A 4 -7.78 -0.06 -24.19
C PHE A 4 -8.19 1.39 -24.45
N THR A 5 -8.99 1.96 -23.55
CA THR A 5 -9.23 3.40 -23.52
C THR A 5 -9.04 3.90 -22.09
N PRO A 6 -8.63 5.15 -21.92
CA PRO A 6 -8.43 5.68 -20.57
C PRO A 6 -9.68 5.51 -19.72
N THR A 7 -9.48 5.15 -18.46
CA THR A 7 -10.62 4.80 -17.63
C THR A 7 -11.48 6.03 -17.37
N PRO A 8 -12.80 5.94 -17.56
CA PRO A 8 -13.68 7.07 -17.27
C PRO A 8 -14.08 7.11 -15.81
N TYR A 9 -13.93 8.29 -15.19
CA TYR A 9 -14.34 8.46 -13.80
C TYR A 9 -14.53 9.95 -13.53
N THR A 10 -15.22 10.23 -12.44
CA THR A 10 -15.23 11.54 -11.80
C THR A 10 -14.77 11.34 -10.36
N LEU A 11 -14.59 12.46 -9.65
CA LEU A 11 -14.19 12.41 -8.26
C LEU A 11 -15.35 12.84 -7.38
N GLU A 12 -15.39 12.27 -6.17
CA GLU A 12 -16.35 12.66 -5.14
C GLU A 12 -15.57 13.06 -3.90
N CYS A 13 -15.94 14.18 -3.31
CA CYS A 13 -15.41 14.54 -1.99
C CYS A 13 -16.13 13.68 -0.95
N VAL A 14 -15.39 12.93 -0.16
CA VAL A 14 -16.05 12.01 0.77
C VAL A 14 -16.88 12.77 1.80
N ALA A 15 -16.39 13.93 2.25
CA ALA A 15 -17.08 14.67 3.32
C ALA A 15 -18.44 15.20 2.88
N THR A 16 -18.57 15.65 1.63
CA THR A 16 -19.76 16.36 1.16
C THR A 16 -20.52 15.63 0.08
N GLY A 17 -19.92 14.65 -0.58
CA GLY A 17 -20.53 14.05 -1.74
C GLY A 17 -20.40 14.85 -3.02
N ARG A 18 -19.75 16.01 -2.98
CA ARG A 18 -19.65 16.81 -4.19
C ARG A 18 -18.91 16.06 -5.28
N GLU A 19 -19.46 16.07 -6.50
CA GLU A 19 -18.92 15.32 -7.61
C GLU A 19 -18.38 16.29 -8.66
N PHE A 20 -17.16 16.03 -9.14
CA PHE A 20 -16.49 16.94 -10.06
C PHE A 20 -15.50 16.17 -10.92
N GLU A 21 -15.18 16.75 -12.07
CA GLU A 21 -14.17 16.17 -12.95
C GLU A 21 -12.77 16.33 -12.35
N ASP A 22 -11.94 15.31 -12.52
CA ASP A 22 -10.53 15.40 -12.16
C ASP A 22 -9.83 16.21 -13.24
N THR A 23 -9.44 17.45 -12.91
CA THR A 23 -8.73 18.31 -13.84
C THR A 23 -7.29 17.87 -14.06
N GLY A 24 -6.82 16.89 -13.30
CA GLY A 24 -5.44 16.44 -13.44
C GLY A 24 -4.78 16.39 -12.09
N TRP A 25 -4.62 15.18 -11.58
CA TRP A 25 -3.88 14.93 -10.34
C TRP A 25 -4.53 15.59 -9.13
N MET A 26 -5.85 15.67 -9.10
CA MET A 26 -6.49 16.23 -7.92
C MET A 26 -6.34 15.28 -6.74
N LEU A 27 -5.85 15.81 -5.62
CA LEU A 27 -5.65 15.05 -4.39
C LEU A 27 -6.62 15.45 -3.30
N ALA A 28 -7.46 16.46 -3.55
CA ALA A 28 -8.40 16.97 -2.58
C ALA A 28 -9.44 17.78 -3.33
N ASP A 29 -10.57 18.04 -2.67
CA ASP A 29 -11.57 18.95 -3.21
C ASP A 29 -11.24 20.35 -2.72
N PRO A 30 -10.87 21.28 -3.60
CA PRO A 30 -10.52 22.63 -3.15
C PRO A 30 -11.69 23.38 -2.50
N GLN A 31 -12.92 22.93 -2.71
CA GLN A 31 -14.11 23.57 -2.15
C GLN A 31 -14.49 23.05 -0.78
N CYS A 32 -13.80 22.02 -0.28
CA CYS A 32 -14.09 21.43 1.02
C CYS A 32 -13.02 21.87 2.03
N LYS A 33 -13.46 22.47 3.14
CA LYS A 33 -12.51 22.92 4.15
C LYS A 33 -12.07 21.77 5.07
N THR A 34 -13.00 20.97 5.57
CA THR A 34 -12.61 19.89 6.47
C THR A 34 -11.71 18.91 5.74
N PRO A 35 -10.71 18.34 6.40
CA PRO A 35 -9.85 17.35 5.72
C PRO A 35 -10.67 16.18 5.22
N SER A 36 -10.49 15.84 3.95
CA SER A 36 -11.29 14.77 3.36
C SER A 36 -10.54 14.14 2.20
N LEU A 37 -10.60 12.81 2.13
CA LEU A 37 -10.19 12.14 0.92
C LEU A 37 -11.18 12.45 -0.20
N VAL A 38 -10.70 12.32 -1.43
CA VAL A 38 -11.55 12.23 -2.62
C VAL A 38 -11.51 10.80 -3.09
N ARG A 39 -12.57 10.38 -3.79
CA ARG A 39 -12.77 9.00 -4.18
C ARG A 39 -13.30 8.94 -5.60
N ALA A 40 -12.75 8.03 -6.41
CA ALA A 40 -13.22 7.92 -7.78
C ALA A 40 -14.62 7.34 -7.85
N LYS A 41 -15.43 7.88 -8.74
CA LYS A 41 -16.70 7.29 -9.14
C LYS A 41 -16.50 6.80 -10.58
N TYR A 42 -16.37 5.49 -10.76
CA TYR A 42 -16.06 4.94 -12.06
C TYR A 42 -17.32 4.84 -12.92
N ALA A 43 -17.22 5.29 -14.17
CA ALA A 43 -18.38 5.20 -15.07
C ALA A 43 -18.68 3.77 -15.47
N ARG A 44 -17.68 2.89 -15.47
CA ARG A 44 -17.90 1.47 -15.71
C ARG A 44 -18.33 0.85 -14.38
N ARG A 45 -19.63 0.82 -14.14
CA ARG A 45 -20.17 0.44 -12.85
C ARG A 45 -19.93 -1.03 -12.52
N GLN A 46 -19.93 -1.89 -13.53
CA GLN A 46 -19.70 -3.31 -13.32
C GLN A 46 -18.34 -3.70 -13.87
N LEU A 47 -17.55 -4.35 -13.01
CA LEU A 47 -16.17 -4.70 -13.34
C LEU A 47 -16.13 -5.81 -14.38
N GLU A 48 -15.34 -5.60 -15.44
CA GLU A 48 -15.06 -6.65 -16.42
C GLU A 48 -13.56 -6.89 -16.40
N VAL A 49 -13.15 -8.02 -15.82
CA VAL A 49 -11.73 -8.34 -15.76
C VAL A 49 -11.22 -8.65 -17.15
N LYS A 50 -10.14 -8.00 -17.55
CA LYS A 50 -9.56 -8.20 -18.87
C LYS A 50 -8.71 -9.46 -18.89
N PRO A 51 -8.28 -9.90 -20.06
CA PRO A 51 -7.46 -11.11 -20.14
C PRO A 51 -6.15 -10.97 -19.38
N ASP A 52 -5.56 -12.13 -19.05
CA ASP A 52 -4.36 -12.16 -18.22
C ASP A 52 -3.21 -11.34 -18.80
N GLU A 53 -3.16 -11.19 -20.12
CA GLU A 53 -2.06 -10.44 -20.74
C GLU A 53 -2.03 -8.98 -20.29
N TYR A 54 -3.13 -8.46 -19.74
CA TYR A 54 -3.15 -7.11 -19.20
C TYR A 54 -2.38 -6.99 -17.90
N GLY A 55 -2.03 -8.11 -17.27
CA GLY A 55 -1.29 -8.02 -16.02
C GLY A 55 -2.10 -7.32 -14.95
N PHE A 56 -1.42 -6.43 -14.22
CA PHE A 56 -2.11 -5.65 -13.18
C PHE A 56 -3.29 -4.88 -13.75
N TYR A 57 -3.17 -4.42 -15.00
CA TYR A 57 -4.22 -3.61 -15.60
C TYR A 57 -5.45 -4.40 -16.00
N LYS A 58 -5.52 -5.71 -15.71
CA LYS A 58 -6.75 -6.43 -15.96
C LYS A 58 -7.92 -5.85 -15.17
N PHE A 59 -7.63 -5.08 -14.11
CA PHE A 59 -8.65 -4.42 -13.31
C PHE A 59 -8.86 -2.96 -13.69
N CYS A 60 -8.45 -2.55 -14.90
CA CYS A 60 -8.40 -1.13 -15.25
C CYS A 60 -9.76 -0.44 -15.25
N ASP A 61 -10.87 -1.17 -15.29
CA ASP A 61 -12.18 -0.50 -15.20
C ASP A 61 -12.28 0.35 -13.94
N TRP A 62 -11.60 -0.05 -12.86
CA TRP A 62 -11.65 0.62 -11.58
C TRP A 62 -10.26 1.09 -11.16
N LEU A 63 -9.46 1.51 -12.13
CA LEU A 63 -8.17 2.17 -11.91
C LEU A 63 -8.16 3.47 -12.70
N PRO A 64 -7.63 4.55 -12.14
CA PRO A 64 -7.72 5.86 -12.81
C PRO A 64 -6.57 6.09 -13.78
N VAL A 65 -6.45 5.21 -14.77
CA VAL A 65 -5.25 5.14 -15.59
C VAL A 65 -5.52 5.69 -16.99
N ARG A 66 -4.52 6.36 -17.54
CA ARG A 66 -4.61 6.96 -18.87
C ARG A 66 -3.87 6.14 -19.92
N ARG A 67 -3.13 5.12 -19.49
CA ARG A 67 -2.37 4.25 -20.36
C ARG A 67 -2.03 3.01 -19.55
N MET A 68 -1.43 2.03 -20.22
CA MET A 68 -0.88 0.86 -19.56
C MET A 68 0.63 0.87 -19.72
N LEU A 69 1.32 0.42 -18.69
CA LEU A 69 2.77 0.25 -18.75
C LEU A 69 3.08 -1.25 -18.87
N LYS A 70 4.23 -1.55 -19.44
CA LYS A 70 4.60 -2.93 -19.71
C LYS A 70 5.09 -3.64 -18.45
N GLY A 71 4.88 -4.96 -18.43
CA GLY A 71 5.57 -5.80 -17.47
C GLY A 71 4.96 -5.87 -16.08
N SER A 72 3.68 -5.56 -15.93
CA SER A 72 3.04 -5.59 -14.62
C SER A 72 2.45 -6.96 -14.33
N SER A 73 2.17 -7.19 -13.06
CA SER A 73 1.60 -8.44 -12.57
C SER A 73 0.50 -8.13 -11.57
N ALA A 74 -0.53 -8.97 -11.57
CA ALA A 74 -1.66 -8.79 -10.67
C ALA A 74 -1.48 -9.63 -9.41
N PRO A 75 -2.17 -9.26 -8.33
CA PRO A 75 -2.26 -10.15 -7.18
C PRO A 75 -2.82 -11.51 -7.60
N VAL A 76 -2.47 -12.54 -6.84
CA VAL A 76 -2.95 -13.90 -7.04
C VAL A 76 -3.70 -14.32 -5.78
N THR A 77 -4.90 -14.86 -5.95
CA THR A 77 -5.66 -15.41 -4.83
C THR A 77 -5.84 -16.91 -5.02
N TYR A 78 -5.55 -17.67 -3.98
CA TYR A 78 -5.77 -19.11 -4.00
C TYR A 78 -6.33 -19.56 -2.66
N LYS A 79 -6.96 -20.74 -2.67
CA LYS A 79 -7.55 -21.30 -1.47
C LYS A 79 -6.48 -22.06 -0.69
N SER A 80 -6.29 -21.70 0.57
CA SER A 80 -5.26 -22.32 1.38
C SER A 80 -5.63 -23.76 1.73
N LYS A 81 -4.64 -24.64 1.65
CA LYS A 81 -4.75 -26.00 2.16
C LYS A 81 -4.06 -26.14 3.51
N GLY A 82 -2.74 -25.95 3.54
CA GLY A 82 -1.97 -26.24 4.76
C GLY A 82 -2.27 -25.27 5.90
N LEU A 83 -2.19 -23.97 5.64
CA LEU A 83 -2.47 -23.01 6.70
C LEU A 83 -3.90 -23.14 7.19
N ALA A 84 -4.85 -23.35 6.26
CA ALA A 84 -6.24 -23.49 6.66
C ALA A 84 -6.43 -24.69 7.59
N ARG A 85 -5.81 -25.82 7.27
CA ARG A 85 -5.92 -26.99 8.13
C ARG A 85 -5.31 -26.72 9.51
N HIS A 86 -4.18 -26.02 9.55
CA HIS A 86 -3.55 -25.70 10.81
C HIS A 86 -4.47 -24.87 11.70
N LEU A 87 -5.23 -23.95 11.10
CA LEU A 87 -6.11 -23.05 11.84
C LEU A 87 -7.52 -23.62 12.00
N GLY A 88 -7.81 -24.76 11.39
CA GLY A 88 -9.16 -25.31 11.45
C GLY A 88 -10.17 -24.55 10.62
N LEU A 89 -9.73 -23.87 9.57
CA LEU A 89 -10.62 -23.05 8.76
C LEU A 89 -10.99 -23.78 7.47
N GLU A 90 -12.25 -23.65 7.06
CA GLU A 90 -12.74 -24.30 5.86
C GLU A 90 -12.68 -23.42 4.62
N ASN A 91 -12.59 -22.10 4.78
CA ASN A 91 -12.72 -21.17 3.66
C ASN A 91 -11.70 -20.05 3.78
N LEU A 92 -10.43 -20.43 3.93
CA LEU A 92 -9.35 -19.46 4.03
C LEU A 92 -8.72 -19.27 2.66
N TYR A 93 -8.73 -18.02 2.19
CA TYR A 93 -8.10 -17.66 0.92
C TYR A 93 -6.93 -16.74 1.20
N ILE A 94 -5.85 -16.97 0.46
CA ILE A 94 -4.64 -16.17 0.55
C ILE A 94 -4.53 -15.34 -0.71
N THR A 95 -4.42 -14.03 -0.56
CA THR A 95 -4.07 -13.17 -1.68
C THR A 95 -2.60 -12.83 -1.54
N PHE A 96 -1.80 -13.27 -2.49
CA PHE A 96 -0.35 -13.22 -2.38
C PHE A 96 0.20 -12.19 -3.34
N ASN A 97 0.98 -11.25 -2.81
CA ASN A 97 1.55 -10.13 -3.57
C ASN A 97 3.06 -10.23 -3.48
N GLY A 98 3.68 -10.85 -4.46
CA GLY A 98 5.12 -11.01 -4.40
C GLY A 98 5.60 -12.01 -5.43
N TYR A 99 6.71 -12.67 -5.11
CA TYR A 99 7.38 -13.57 -6.05
C TYR A 99 7.17 -15.00 -5.60
N TYR A 100 6.34 -15.74 -6.33
CA TYR A 100 6.10 -17.15 -6.06
C TYR A 100 5.61 -17.76 -7.38
N PRO A 101 6.53 -18.04 -8.30
CA PRO A 101 6.09 -18.49 -9.64
C PRO A 101 5.19 -19.71 -9.63
N ALA A 102 5.34 -20.60 -8.65
CA ALA A 102 4.54 -21.83 -8.65
C ALA A 102 3.05 -21.55 -8.53
N ILE A 103 2.67 -20.40 -7.96
CA ILE A 103 1.27 -20.02 -7.86
C ILE A 103 0.91 -18.92 -8.86
N GLY A 104 1.83 -18.56 -9.75
CA GLY A 104 1.57 -17.49 -10.68
C GLY A 104 1.84 -16.10 -10.17
N ALA A 105 2.50 -15.96 -9.02
CA ALA A 105 2.78 -14.66 -8.44
C ALA A 105 4.13 -14.18 -8.97
N THR A 106 4.11 -13.07 -9.70
CA THR A 106 5.30 -12.60 -10.39
C THR A 106 5.56 -11.11 -10.15
N MET A 107 5.24 -10.62 -8.95
CA MET A 107 5.62 -9.26 -8.60
C MET A 107 7.07 -9.30 -8.16
N SER A 108 7.95 -8.96 -9.10
CA SER A 108 9.39 -9.15 -8.88
C SER A 108 9.95 -8.25 -7.79
N THR A 109 9.31 -7.12 -7.47
CA THR A 109 9.78 -6.32 -6.35
C THR A 109 9.31 -6.85 -5.01
N CYS A 110 8.45 -7.87 -5.02
CA CYS A 110 8.15 -8.70 -3.85
C CYS A 110 7.15 -8.08 -2.88
N SER A 111 6.38 -7.09 -3.28
CA SER A 111 5.33 -6.57 -2.40
C SER A 111 4.18 -5.99 -3.20
N PHE A 112 3.05 -5.86 -2.51
CA PHE A 112 1.85 -5.28 -3.12
C PHE A 112 2.00 -3.81 -3.44
N LYS A 113 3.09 -3.17 -3.02
CA LYS A 113 3.28 -1.78 -3.42
C LYS A 113 3.56 -1.64 -4.91
N GLU A 114 3.86 -2.75 -5.60
CA GLU A 114 3.91 -2.70 -7.06
C GLU A 114 2.60 -2.22 -7.65
N THR A 115 1.47 -2.57 -7.03
CA THR A 115 0.18 -2.11 -7.54
C THR A 115 0.08 -0.60 -7.48
N GLU A 116 0.59 0.02 -6.41
CA GLU A 116 0.61 1.47 -6.33
C GLU A 116 1.42 2.06 -7.47
N ALA A 117 2.61 1.52 -7.71
CA ALA A 117 3.50 2.10 -8.72
C ALA A 117 2.88 2.03 -10.10
N PHE A 118 2.36 0.88 -10.49
CA PHE A 118 1.80 0.76 -11.84
C PHE A 118 0.53 1.59 -11.98
N SER A 119 -0.24 1.76 -10.91
CA SER A 119 -1.45 2.57 -10.98
C SER A 119 -1.12 4.06 -11.03
N VAL A 120 -0.32 4.53 -10.08
CA VAL A 120 0.01 5.96 -10.02
C VAL A 120 0.75 6.39 -11.28
N CYS A 121 1.73 5.59 -11.71
CA CYS A 121 2.50 6.01 -12.88
C CYS A 121 1.65 6.03 -14.14
N ALA A 122 0.61 5.21 -14.21
CA ALA A 122 -0.29 5.22 -15.36
C ALA A 122 -1.37 6.28 -15.28
N ARG A 123 -1.58 6.86 -14.10
CA ARG A 123 -2.45 8.04 -13.98
C ARG A 123 -1.74 9.29 -14.47
N ALA A 124 -0.41 9.32 -14.36
CA ALA A 124 0.36 10.52 -14.65
C ALA A 124 0.30 10.85 -16.14
N ALA A 125 0.42 12.14 -16.46
CA ALA A 125 0.50 12.56 -17.85
C ALA A 125 1.84 12.16 -18.41
N GLU A 126 1.86 11.57 -19.61
CA GLU A 126 3.14 11.14 -20.16
C GLU A 126 3.99 12.32 -20.57
N ASP A 127 3.37 13.45 -20.91
CA ASP A 127 4.09 14.67 -21.18
C ASP A 127 4.43 15.44 -19.92
N GLU A 128 4.19 14.85 -18.75
CA GLU A 128 4.50 15.52 -17.49
C GLU A 128 5.96 15.95 -17.45
N GLU A 129 6.20 17.21 -17.11
CA GLU A 129 7.56 17.74 -17.00
C GLU A 129 8.03 17.89 -15.56
N ARG A 130 7.12 17.85 -14.60
CA ARG A 130 7.52 17.94 -13.20
C ARG A 130 8.06 16.60 -12.70
N VAL A 131 8.86 16.66 -11.65
CA VAL A 131 9.41 15.48 -11.00
C VAL A 131 8.40 14.99 -9.96
N LEU A 132 8.03 13.72 -10.04
CA LEU A 132 7.13 13.11 -9.05
C LEU A 132 7.88 12.84 -7.76
N VAL A 133 7.28 13.20 -6.64
CA VAL A 133 7.89 13.05 -5.31
C VAL A 133 7.12 11.99 -4.52
N VAL A 134 7.83 10.96 -4.07
CA VAL A 134 7.26 9.86 -3.30
C VAL A 134 8.06 9.69 -2.03
N ALA A 135 7.37 9.64 -0.89
CA ALA A 135 7.99 9.26 0.39
C ALA A 135 7.61 7.83 0.72
N SER A 136 8.54 7.08 1.30
CA SER A 136 8.28 5.66 1.53
C SER A 136 9.19 5.12 2.63
N ALA A 137 8.71 4.09 3.31
CA ALA A 137 9.50 3.31 4.25
C ALA A 137 10.30 2.20 3.58
N GLY A 138 10.13 1.99 2.28
CA GLY A 138 11.01 1.10 1.54
C GLY A 138 10.38 0.35 0.39
N ASN A 139 9.19 -0.22 0.59
CA ASN A 139 8.63 -1.11 -0.42
C ASN A 139 7.96 -0.32 -1.55
N THR A 140 7.22 0.72 -1.20
CA THR A 140 6.70 1.63 -2.22
C THR A 140 7.85 2.24 -3.01
N ALA A 141 8.93 2.64 -2.32
CA ALA A 141 10.07 3.24 -3.00
C ALA A 141 10.68 2.27 -4.00
N ARG A 142 10.87 1.01 -3.61
CA ARG A 142 11.45 0.04 -4.53
C ARG A 142 10.55 -0.14 -5.77
N ALA A 143 9.24 -0.23 -5.57
CA ALA A 143 8.34 -0.42 -6.71
C ALA A 143 8.35 0.79 -7.62
N PHE A 144 8.23 1.99 -7.06
CA PHE A 144 8.25 3.19 -7.89
C PHE A 144 9.58 3.37 -8.60
N ALA A 145 10.69 3.11 -7.91
CA ALA A 145 11.99 3.26 -8.54
C ALA A 145 12.09 2.38 -9.79
N LYS A 146 11.66 1.13 -9.69
CA LYS A 146 11.74 0.22 -10.83
C LYS A 146 10.85 0.69 -11.98
N VAL A 147 9.59 1.01 -11.67
CA VAL A 147 8.66 1.39 -12.74
C VAL A 147 9.09 2.72 -13.37
N CYS A 148 9.50 3.68 -12.55
CA CYS A 148 9.91 4.97 -13.09
C CYS A 148 11.22 4.86 -13.87
N SER A 149 12.17 4.06 -13.38
CA SER A 149 13.40 3.85 -14.15
C SER A 149 13.09 3.24 -15.51
N ASP A 150 12.27 2.18 -15.53
CA ASP A 150 11.97 1.48 -16.77
C ASP A 150 11.27 2.40 -17.76
N ASN A 151 10.47 3.35 -17.27
CA ASN A 151 9.64 4.20 -18.12
C ASN A 151 10.17 5.62 -18.25
N HIS A 152 11.37 5.88 -17.76
CA HIS A 152 12.01 7.19 -17.90
C HIS A 152 11.13 8.30 -17.29
N ILE A 153 10.56 8.01 -16.13
CA ILE A 153 9.77 8.97 -15.38
C ILE A 153 10.64 9.57 -14.30
N LYS A 154 10.74 10.90 -14.28
CA LYS A 154 11.54 11.57 -13.27
C LYS A 154 10.89 11.40 -11.90
N LEU A 155 11.66 10.88 -10.95
CA LEU A 155 11.15 10.52 -9.63
C LEU A 155 12.17 10.90 -8.57
N LEU A 156 11.71 11.61 -7.55
CA LEU A 156 12.47 11.88 -6.34
C LEU A 156 11.86 11.07 -5.21
N LEU A 157 12.64 10.18 -4.64
CA LEU A 157 12.24 9.36 -3.49
C LEU A 157 12.80 9.96 -2.22
N SER A 158 12.01 9.90 -1.15
CA SER A 158 12.47 10.23 0.19
C SER A 158 12.25 9.02 1.07
N VAL A 159 13.34 8.45 1.58
CA VAL A 159 13.30 7.22 2.37
C VAL A 159 14.22 7.40 3.58
N PRO A 160 13.83 6.95 4.77
CA PRO A 160 14.74 7.08 5.92
C PRO A 160 16.07 6.37 5.65
N TYR A 161 17.16 7.01 6.09
CA TYR A 161 18.47 6.38 5.91
C TYR A 161 18.48 4.96 6.48
N ASP A 162 17.82 4.76 7.60
CA ASP A 162 17.78 3.47 8.28
C ASP A 162 17.05 2.40 7.47
N ASN A 163 16.36 2.77 6.40
CA ASN A 163 15.56 1.82 5.63
C ASN A 163 16.09 1.58 4.21
N ILE A 164 17.23 2.16 3.85
CA ILE A 164 17.67 2.10 2.45
C ILE A 164 18.09 0.72 1.99
N GLU A 165 18.26 -0.24 2.90
CA GLU A 165 18.51 -1.62 2.49
C GLU A 165 17.35 -2.20 1.71
N ALA A 166 16.18 -1.58 1.80
CA ALA A 166 15.03 -2.01 1.01
C ALA A 166 15.15 -1.66 -0.46
N LEU A 167 16.12 -0.83 -0.84
CA LEU A 167 16.17 -0.28 -2.19
C LEU A 167 17.15 -1.07 -3.05
N TRP A 168 16.78 -2.32 -3.30
CA TRP A 168 17.56 -3.27 -4.08
C TRP A 168 16.90 -3.54 -5.42
N PHE A 169 17.72 -3.81 -6.44
CA PHE A 169 17.29 -3.94 -7.82
C PHE A 169 18.17 -4.95 -8.54
N GLU A 170 17.62 -5.54 -9.60
CA GLU A 170 18.37 -6.53 -10.36
C GLU A 170 19.47 -5.89 -11.17
N HIS A 171 19.31 -4.65 -11.60
CA HIS A 171 20.27 -3.96 -12.45
C HIS A 171 20.30 -2.50 -12.06
N PRO A 172 21.36 -1.78 -12.44
CA PRO A 172 21.41 -0.34 -12.16
C PRO A 172 20.19 0.37 -12.74
N LEU A 173 19.70 1.37 -12.01
CA LEU A 173 18.56 2.15 -12.45
C LEU A 173 18.98 3.34 -13.30
N ASN A 174 18.05 3.83 -14.11
CA ASN A 174 18.22 5.04 -14.89
C ASN A 174 18.40 6.25 -13.95
N PRO A 175 19.19 7.24 -14.35
CA PRO A 175 19.42 8.40 -13.47
C PRO A 175 18.20 9.30 -13.28
N CYS A 176 17.09 9.04 -13.97
CA CYS A 176 15.86 9.80 -13.72
C CYS A 176 15.26 9.52 -12.35
N VAL A 177 15.76 8.52 -11.63
CA VAL A 177 15.34 8.21 -10.27
C VAL A 177 16.45 8.66 -9.32
N LYS A 178 16.12 9.54 -8.38
CA LYS A 178 17.07 10.02 -7.39
C LYS A 178 16.47 9.85 -6.00
N LEU A 179 17.34 9.73 -5.00
CA LEU A 179 16.95 9.46 -3.63
C LEU A 179 17.56 10.47 -2.67
N ILE A 180 16.74 10.93 -1.73
CA ILE A 180 17.22 11.67 -0.56
C ILE A 180 16.70 10.96 0.68
N SER A 181 17.40 11.16 1.80
CA SER A 181 17.06 10.47 3.03
C SER A 181 17.14 11.43 4.21
N CYS A 182 16.30 11.18 5.21
CA CYS A 182 16.53 11.77 6.52
C CYS A 182 17.59 10.96 7.26
N GLU A 183 18.28 11.63 8.19
CA GLU A 183 19.43 11.05 8.87
C GLU A 183 19.05 9.80 9.68
N LYS A 184 20.08 9.03 10.04
CA LYS A 184 19.91 7.87 10.90
C LYS A 184 19.12 8.25 12.15
N GLY A 185 18.23 7.36 12.56
CA GLY A 185 17.32 7.62 13.66
C GLY A 185 15.99 8.19 13.23
N GLY A 186 15.92 8.81 12.07
CA GLY A 186 14.65 9.30 11.57
C GLY A 186 13.77 8.16 11.09
N ASP A 187 12.46 8.38 11.18
CA ASP A 187 11.47 7.39 10.81
C ASP A 187 10.73 7.79 9.53
N TYR A 188 9.71 7.00 9.20
CA TYR A 188 8.97 7.23 7.97
C TYR A 188 8.38 8.63 7.91
N PHE A 189 7.76 9.09 9.00
CA PHE A 189 7.23 10.45 8.94
C PHE A 189 8.32 11.50 8.77
N ASP A 190 9.52 11.28 9.32
CA ASP A 190 10.59 12.23 9.03
C ASP A 190 10.87 12.29 7.53
N ALA A 191 10.81 11.15 6.85
CA ALA A 191 11.00 11.15 5.40
C ALA A 191 9.83 11.83 4.69
N ILE A 192 8.61 11.65 5.21
CA ILE A 192 7.48 12.35 4.64
C ILE A 192 7.66 13.85 4.79
N HIS A 193 8.05 14.30 5.98
CA HIS A 193 8.29 15.72 6.19
C HIS A 193 9.37 16.24 5.24
N LEU A 194 10.45 15.49 5.07
CA LEU A 194 11.49 15.90 4.15
C LEU A 194 10.94 16.07 2.73
N SER A 195 10.08 15.14 2.32
CA SER A 195 9.49 15.25 0.98
C SER A 195 8.63 16.49 0.85
N ASP A 196 7.93 16.87 1.94
CA ASP A 196 7.14 18.09 1.92
C ASP A 196 8.02 19.33 1.74
N ILE A 197 9.21 19.32 2.34
CA ILE A 197 10.13 20.44 2.16
C ILE A 197 10.60 20.49 0.72
N ALA A 198 10.97 19.34 0.15
CA ALA A 198 11.42 19.31 -1.24
C ALA A 198 10.33 19.80 -2.18
N LEU A 199 9.07 19.56 -1.84
CA LEU A 199 7.93 19.94 -2.66
C LEU A 199 7.72 21.46 -2.70
N LYS A 200 8.40 22.22 -1.85
CA LYS A 200 8.36 23.67 -1.98
C LYS A 200 9.09 24.15 -3.22
N GLY A 201 9.89 23.29 -3.84
CA GLY A 201 10.57 23.65 -5.06
C GLY A 201 9.62 23.59 -6.25
N PRO A 202 9.69 24.60 -7.11
CA PRO A 202 8.99 24.50 -8.38
C PRO A 202 9.61 23.39 -9.20
N GLY A 203 8.77 22.76 -10.01
CA GLY A 203 9.20 21.65 -10.82
C GLY A 203 8.99 20.28 -10.19
N PHE A 204 8.42 20.22 -8.99
CA PHE A 204 8.15 18.97 -8.30
C PHE A 204 6.67 18.90 -7.99
N TYR A 205 6.12 17.68 -8.02
CA TYR A 205 4.72 17.50 -7.64
C TYR A 205 4.56 16.25 -6.79
N ALA A 206 3.60 16.30 -5.88
CA ALA A 206 3.45 15.27 -4.85
C ALA A 206 2.66 14.08 -5.37
N GLU A 207 3.17 12.88 -5.15
CA GLU A 207 2.36 11.69 -5.33
C GLU A 207 1.17 11.71 -4.40
N GLY A 208 1.35 12.15 -3.16
CA GLY A 208 0.24 12.44 -2.27
C GLY A 208 -0.12 11.35 -1.29
N GLY A 209 0.57 10.21 -1.30
CA GLY A 209 0.24 9.17 -0.35
C GLY A 209 -1.19 8.69 -0.50
N ALA A 210 -1.85 8.48 0.64
CA ALA A 210 -3.22 7.98 0.65
C ALA A 210 -4.18 8.90 -0.07
N LYS A 211 -3.83 10.17 -0.25
CA LYS A 211 -4.72 11.07 -0.97
C LYS A 211 -4.81 10.72 -2.46
N ASN A 212 -3.87 9.96 -3.00
CA ASN A 212 -3.87 9.62 -4.42
C ASN A 212 -4.80 8.44 -4.67
N ILE A 213 -5.89 8.68 -5.41
CA ILE A 213 -6.84 7.60 -5.70
C ILE A 213 -6.18 6.46 -6.47
N ALA A 214 -5.12 6.74 -7.23
CA ALA A 214 -4.45 5.66 -7.95
C ALA A 214 -3.72 4.73 -7.00
N ARG A 215 -3.16 5.28 -5.92
CA ARG A 215 -2.51 4.42 -4.94
C ARG A 215 -3.54 3.51 -4.27
N ARG A 216 -4.67 4.09 -3.83
CA ARG A 216 -5.68 3.29 -3.15
C ARG A 216 -6.29 2.26 -4.08
N ASP A 217 -6.69 2.70 -5.28
CA ASP A 217 -7.38 1.77 -6.17
C ASP A 217 -6.44 0.69 -6.70
N GLY A 218 -5.14 1.00 -6.81
CA GLY A 218 -4.17 -0.04 -7.11
C GLY A 218 -4.12 -1.11 -6.04
N MET A 219 -3.95 -0.70 -4.78
CA MET A 219 -3.91 -1.69 -3.70
C MET A 219 -5.18 -2.50 -3.64
N ALA A 220 -6.33 -1.86 -3.95
CA ALA A 220 -7.62 -2.52 -3.89
C ALA A 220 -7.72 -3.69 -4.85
N THR A 221 -6.83 -3.79 -5.84
CA THR A 221 -6.86 -4.94 -6.73
C THR A 221 -6.62 -6.25 -5.98
N THR A 222 -6.05 -6.18 -4.77
CA THR A 222 -5.96 -7.40 -3.97
C THR A 222 -7.36 -7.94 -3.66
N VAL A 223 -8.26 -7.05 -3.25
CA VAL A 223 -9.64 -7.45 -2.98
C VAL A 223 -10.37 -7.82 -4.28
N LEU A 224 -10.12 -7.08 -5.36
CA LEU A 224 -10.76 -7.45 -6.63
C LEU A 224 -10.32 -8.82 -7.08
N SER A 225 -9.03 -9.12 -6.94
CA SER A 225 -8.54 -10.47 -7.21
C SER A 225 -9.27 -11.50 -6.36
N ALA A 226 -9.38 -11.24 -5.06
CA ALA A 226 -9.99 -12.23 -4.18
C ALA A 226 -11.45 -12.45 -4.52
N VAL A 227 -12.21 -11.37 -4.68
CA VAL A 227 -13.65 -11.52 -4.91
C VAL A 227 -13.92 -12.19 -6.25
N THR A 228 -13.20 -11.82 -7.30
CA THR A 228 -13.43 -12.45 -8.60
C THR A 228 -12.93 -13.88 -8.64
N THR A 229 -11.99 -14.24 -7.78
CA THR A 229 -11.57 -15.64 -7.67
C THR A 229 -12.58 -16.46 -6.87
N ILE A 230 -12.95 -15.98 -5.68
CA ILE A 230 -13.85 -16.71 -4.80
C ILE A 230 -15.26 -16.76 -5.40
N GLY A 231 -15.69 -15.68 -6.03
CA GLY A 231 -17.05 -15.60 -6.52
C GLY A 231 -18.04 -15.00 -5.54
N ARG A 232 -17.55 -14.46 -4.43
CA ARG A 232 -18.37 -13.73 -3.47
C ARG A 232 -17.45 -12.89 -2.63
N ILE A 233 -18.04 -12.02 -1.80
CA ILE A 233 -17.28 -11.10 -0.98
C ILE A 233 -16.93 -11.78 0.35
N PRO A 234 -15.67 -11.75 0.78
CA PRO A 234 -15.31 -12.38 2.05
C PRO A 234 -16.05 -11.81 3.25
N ASP A 235 -16.04 -12.59 4.33
CA ASP A 235 -16.54 -12.10 5.61
C ASP A 235 -15.49 -11.29 6.36
N TYR A 236 -14.20 -11.62 6.19
CA TYR A 236 -13.10 -10.96 6.90
C TYR A 236 -11.97 -10.65 5.95
N TYR A 237 -11.31 -9.52 6.20
CA TYR A 237 -10.13 -9.07 5.47
C TYR A 237 -9.03 -8.81 6.47
N PHE A 238 -7.92 -9.55 6.37
CA PHE A 238 -6.79 -9.38 7.29
C PHE A 238 -5.62 -8.72 6.56
N GLN A 239 -5.12 -7.60 7.12
CA GLN A 239 -3.98 -6.89 6.56
C GLN A 239 -3.26 -6.14 7.67
N ALA A 240 -1.93 -6.18 7.64
CA ALA A 240 -1.13 -5.35 8.54
C ALA A 240 -1.03 -3.94 7.98
N VAL A 241 -1.11 -2.95 8.87
CA VAL A 241 -1.23 -1.55 8.45
C VAL A 241 -0.17 -0.67 9.10
N GLY A 242 0.35 0.27 8.30
CA GLY A 242 1.20 1.33 8.79
C GLY A 242 0.50 2.67 8.65
N SER A 243 0.08 2.98 7.42
CA SER A 243 -0.81 4.11 7.19
C SER A 243 -2.28 3.71 7.22
N GLY A 244 -2.59 2.49 6.84
CA GLY A 244 -3.96 2.04 6.76
C GLY A 244 -4.57 2.16 5.38
N THR A 245 -3.82 2.66 4.41
CA THR A 245 -4.36 2.95 3.09
C THR A 245 -4.89 1.70 2.40
N GLY A 246 -4.23 0.57 2.59
CA GLY A 246 -4.72 -0.66 1.97
C GLY A 246 -6.06 -1.12 2.53
N ALA A 247 -6.31 -0.82 3.81
CA ALA A 247 -7.59 -1.18 4.42
C ALA A 247 -8.69 -0.21 4.01
N ILE A 248 -8.36 1.09 3.93
CA ILE A 248 -9.30 2.04 3.31
C ILE A 248 -9.66 1.58 1.92
N ALA A 249 -8.64 1.18 1.14
CA ALA A 249 -8.86 0.75 -0.24
C ALA A 249 -9.72 -0.50 -0.31
N ALA A 250 -9.51 -1.44 0.62
CA ALA A 250 -10.31 -2.66 0.63
C ALA A 250 -11.78 -2.33 0.88
N TRP A 251 -12.05 -1.42 1.80
CA TRP A 251 -13.41 -0.97 2.07
C TRP A 251 -14.01 -0.32 0.82
N GLU A 252 -13.25 0.55 0.16
CA GLU A 252 -13.73 1.21 -1.05
C GLU A 252 -14.02 0.20 -2.15
N ALA A 253 -13.16 -0.80 -2.32
CA ALA A 253 -13.43 -1.86 -3.29
C ALA A 253 -14.72 -2.59 -2.94
N ASN A 254 -14.92 -2.87 -1.65
CA ASN A 254 -16.15 -3.52 -1.21
C ASN A 254 -17.37 -2.69 -1.57
N MET A 255 -17.30 -1.37 -1.37
CA MET A 255 -18.44 -0.53 -1.71
C MET A 255 -18.72 -0.56 -3.21
N ARG A 256 -17.67 -0.54 -4.03
CA ARG A 256 -17.86 -0.62 -5.48
C ARG A 256 -18.43 -1.97 -5.88
N LEU A 257 -17.97 -3.04 -5.24
CA LEU A 257 -18.48 -4.38 -5.56
C LEU A 257 -19.95 -4.50 -5.18
N ILE A 258 -20.36 -3.91 -4.06
CA ILE A 258 -21.77 -3.92 -3.68
C ILE A 258 -22.61 -3.18 -4.71
N GLU A 259 -22.10 -2.06 -5.21
CA GLU A 259 -22.84 -1.30 -6.23
C GLU A 259 -22.92 -2.07 -7.54
N ASP A 260 -21.86 -2.78 -7.91
CA ASP A 260 -21.88 -3.68 -9.05
C ASP A 260 -23.01 -4.70 -8.88
N GLY A 261 -23.08 -5.34 -7.71
CA GLY A 261 -24.20 -6.16 -7.30
C GLY A 261 -24.05 -7.63 -7.56
N ARG A 262 -23.18 -8.04 -8.48
CA ARG A 262 -23.14 -9.43 -8.90
C ARG A 262 -22.48 -10.36 -7.90
N PHE A 263 -21.84 -9.84 -6.87
CA PHE A 263 -21.04 -10.63 -5.96
C PHE A 263 -21.61 -10.68 -4.55
N GLY A 264 -22.84 -10.20 -4.35
CA GLY A 264 -23.44 -10.12 -3.04
C GLY A 264 -23.44 -8.71 -2.51
N SER A 265 -24.06 -8.56 -1.34
CA SER A 265 -24.31 -7.24 -0.75
C SER A 265 -23.64 -7.04 0.60
N ASN A 266 -22.78 -7.96 1.03
CA ASN A 266 -22.21 -7.93 2.37
C ASN A 266 -20.93 -7.10 2.41
N THR A 267 -20.62 -6.62 3.61
CA THR A 267 -19.45 -5.80 3.86
C THR A 267 -18.44 -6.62 4.67
N MET A 268 -17.26 -6.82 4.10
CA MET A 268 -16.16 -7.49 4.79
C MET A 268 -15.80 -6.72 6.06
N LYS A 269 -15.57 -7.45 7.15
CA LYS A 269 -15.03 -6.84 8.35
C LYS A 269 -13.52 -6.68 8.18
N LEU A 270 -13.02 -5.45 8.34
CA LEU A 270 -11.59 -5.20 8.28
C LEU A 270 -10.94 -5.64 9.58
N MET A 271 -9.90 -6.46 9.49
CA MET A 271 -9.19 -6.98 10.65
C MET A 271 -7.74 -6.56 10.46
N VAL A 272 -7.38 -5.43 11.03
CA VAL A 272 -6.10 -4.79 10.75
C VAL A 272 -5.18 -4.94 11.96
N SER A 273 -3.87 -4.81 11.71
CA SER A 273 -2.90 -5.10 12.76
C SER A 273 -1.68 -4.19 12.67
N GLN A 274 -1.07 -3.91 13.84
CA GLN A 274 0.21 -3.24 13.93
C GLN A 274 1.18 -4.08 14.78
N ASN A 275 2.45 -3.73 14.67
CA ASN A 275 3.56 -4.45 15.30
C ASN A 275 3.94 -3.72 16.59
N ALA A 276 3.77 -4.37 17.73
CA ALA A 276 4.22 -3.77 18.98
C ALA A 276 5.74 -3.60 18.94
N PRO A 277 6.27 -2.50 19.51
CA PRO A 277 5.58 -1.47 20.28
C PRO A 277 5.15 -0.21 19.51
N PHE A 278 5.08 -0.25 18.17
CA PHE A 278 4.61 0.91 17.41
C PHE A 278 3.16 0.65 17.01
N VAL A 279 2.23 1.03 17.89
CA VAL A 279 0.82 0.69 17.69
C VAL A 279 -0.08 1.91 17.87
N PRO A 280 0.27 3.08 17.33
CA PRO A 280 -0.54 4.27 17.61
C PRO A 280 -1.94 4.25 17.02
N MET A 281 -2.13 3.63 15.84
CA MET A 281 -3.48 3.57 15.31
C MET A 281 -4.33 2.57 16.09
N TYR A 282 -3.73 1.45 16.52
CA TYR A 282 -4.44 0.54 17.40
C TYR A 282 -4.87 1.26 18.67
N ASP A 283 -3.95 2.03 19.26
CA ASP A 283 -4.26 2.72 20.52
C ASP A 283 -5.38 3.73 20.34
N ALA A 284 -5.34 4.51 19.26
CA ALA A 284 -6.41 5.46 19.00
C ALA A 284 -7.74 4.75 18.80
N TRP A 285 -7.74 3.66 18.04
CA TRP A 285 -8.97 2.93 17.78
C TRP A 285 -9.54 2.35 19.07
N GLN A 286 -8.71 1.74 19.90
CA GLN A 286 -9.20 1.16 21.14
C GLN A 286 -9.72 2.24 22.09
N ALA A 287 -9.20 3.46 21.98
CA ALA A 287 -9.67 4.58 22.79
C ALA A 287 -10.99 5.13 22.28
N GLY A 288 -11.39 4.79 21.06
CA GLY A 288 -12.59 5.36 20.46
C GLY A 288 -12.39 6.72 19.83
N SER A 289 -11.15 7.17 19.67
CA SER A 289 -10.86 8.52 19.21
C SER A 289 -10.68 8.49 17.70
N ARG A 290 -11.27 9.46 17.00
CA ARG A 290 -10.92 9.65 15.60
C ARG A 290 -9.61 10.44 15.41
N LYS A 291 -9.07 11.01 16.47
CA LYS A 291 -7.79 11.72 16.44
C LYS A 291 -6.69 10.82 16.99
N MET A 292 -5.53 10.84 16.33
CA MET A 292 -4.38 10.14 16.88
C MET A 292 -4.06 10.72 18.25
N LEU A 293 -3.61 9.86 19.15
CA LEU A 293 -3.30 10.27 20.52
C LEU A 293 -1.90 10.89 20.59
N ALA A 294 -1.62 11.55 21.72
CA ALA A 294 -0.30 12.11 21.94
C ALA A 294 0.75 11.00 21.93
N TYR A 295 1.86 11.25 21.24
CA TYR A 295 2.93 10.26 21.08
C TYR A 295 4.22 11.05 20.93
N GLU A 296 5.05 11.06 21.97
CA GLU A 296 6.28 11.85 21.94
C GLU A 296 7.16 11.39 20.77
N ASP A 297 7.67 12.37 20.02
CA ASP A 297 8.35 12.05 18.77
C ASP A 297 9.55 11.14 18.99
N ASP A 298 10.34 11.40 20.02
CA ASP A 298 11.54 10.57 20.23
C ASP A 298 11.17 9.15 20.65
N LYS A 299 10.15 9.00 21.49
CA LYS A 299 9.71 7.65 21.84
C LYS A 299 9.18 6.91 20.63
N ALA A 300 8.41 7.60 19.79
CA ALA A 300 7.90 6.98 18.57
C ALA A 300 9.02 6.50 17.67
N ARG A 301 10.06 7.32 17.48
CA ARG A 301 11.19 6.91 16.65
C ARG A 301 11.90 5.69 17.25
N ARG A 302 12.04 5.66 18.58
CA ARG A 302 12.66 4.50 19.21
C ARG A 302 11.79 3.25 19.03
N ASP A 303 10.48 3.39 19.17
CA ASP A 303 9.58 2.26 18.95
C ASP A 303 9.68 1.76 17.52
N ALA A 304 9.80 2.67 16.55
CA ALA A 304 9.96 2.27 15.16
C ALA A 304 11.23 1.48 14.94
N GLU A 305 12.25 1.70 15.77
CA GLU A 305 13.49 0.94 15.68
C GLU A 305 13.33 -0.47 16.24
N ILE A 306 12.39 -0.66 17.16
CA ILE A 306 12.24 -1.97 17.81
C ILE A 306 11.45 -2.93 16.94
N ILE A 307 10.45 -2.45 16.21
CA ILE A 307 9.57 -3.37 15.47
C ILE A 307 10.34 -4.08 14.35
N ASP A 308 9.93 -5.33 14.10
CA ASP A 308 10.48 -6.09 12.98
C ASP A 308 9.99 -5.55 11.65
N ALA A 309 8.71 -5.15 11.59
CA ALA A 309 8.06 -4.75 10.34
C ALA A 309 8.23 -3.25 10.15
N LYS A 310 9.36 -2.87 9.57
CA LYS A 310 9.77 -1.46 9.47
C LYS A 310 8.85 -0.63 8.59
N VAL A 311 7.94 -1.26 7.83
CA VAL A 311 7.02 -0.53 6.98
C VAL A 311 5.70 -0.21 7.67
N LEU A 312 5.54 -0.57 8.94
CA LEU A 312 4.27 -0.40 9.63
C LEU A 312 4.30 0.75 10.65
N SER A 313 5.12 1.77 10.43
CA SER A 313 5.34 2.81 11.45
C SER A 313 5.24 4.21 10.85
N ASN A 314 4.03 4.72 10.72
CA ASN A 314 3.77 6.08 10.28
C ASN A 314 3.17 6.86 11.45
N ARG A 315 3.88 7.87 11.94
CA ARG A 315 3.36 8.68 13.04
C ARG A 315 2.17 9.53 12.62
N ARG A 316 2.00 9.82 11.33
CA ARG A 316 0.96 10.74 10.85
C ARG A 316 0.17 10.10 9.72
N PRO A 317 -0.60 9.05 10.02
CA PRO A 317 -1.31 8.30 8.98
C PRO A 317 -2.66 8.92 8.67
N PRO A 318 -3.31 8.48 7.59
CA PRO A 318 -4.68 8.92 7.24
C PRO A 318 -5.72 8.23 8.10
N TYR A 319 -5.61 8.45 9.42
CA TYR A 319 -6.48 7.80 10.39
C TYR A 319 -7.78 8.58 10.59
N GLY A 320 -7.68 9.87 10.90
CA GLY A 320 -8.87 10.65 11.23
C GLY A 320 -9.48 11.46 10.08
N ILE A 321 -8.75 11.62 8.99
CA ILE A 321 -9.27 12.33 7.82
C ILE A 321 -10.60 11.70 7.39
N THR A 322 -11.53 12.50 6.87
CA THR A 322 -12.79 11.92 6.40
C THR A 322 -12.53 10.92 5.28
N GLY A 323 -13.07 9.72 5.44
CA GLY A 323 -12.81 8.62 4.53
C GLY A 323 -11.62 7.77 4.91
N GLY A 324 -10.93 8.09 6.00
CA GLY A 324 -9.73 7.42 6.42
C GLY A 324 -10.02 6.17 7.24
N LEU A 325 -9.00 5.73 7.98
CA LEU A 325 -9.06 4.41 8.59
C LEU A 325 -10.10 4.33 9.71
N TYR A 326 -10.22 5.38 10.54
CA TYR A 326 -11.29 5.37 11.54
C TYR A 326 -12.64 5.16 10.88
N ASP A 327 -12.93 5.92 9.82
CA ASP A 327 -14.22 5.79 9.14
C ASP A 327 -14.38 4.41 8.51
N ALA A 328 -13.31 3.86 7.95
CA ALA A 328 -13.39 2.53 7.34
C ALA A 328 -13.69 1.46 8.39
N LEU A 329 -13.00 1.53 9.53
CA LEU A 329 -13.24 0.55 10.59
C LEU A 329 -14.65 0.68 11.16
N LYS A 330 -15.13 1.91 11.34
CA LYS A 330 -16.48 2.10 11.82
C LYS A 330 -17.50 1.54 10.84
N ALA A 331 -17.29 1.79 9.55
CA ALA A 331 -18.27 1.38 8.54
C ALA A 331 -18.31 -0.13 8.36
N THR A 332 -17.21 -0.81 8.62
CA THR A 332 -17.13 -2.24 8.39
C THR A 332 -17.27 -3.07 9.66
N GLY A 333 -17.45 -2.44 10.81
CA GLY A 333 -17.46 -3.19 12.05
C GLY A 333 -16.12 -3.86 12.30
N GLY A 334 -15.03 -3.20 11.91
CA GLY A 334 -13.73 -3.83 11.95
C GLY A 334 -13.14 -3.91 13.35
N GLU A 335 -12.01 -4.62 13.42
CA GLU A 335 -11.28 -4.83 14.66
C GLU A 335 -9.79 -4.58 14.40
N PHE A 336 -9.10 -4.20 15.46
CA PHE A 336 -7.68 -3.84 15.41
C PHE A 336 -6.92 -4.75 16.37
N PHE A 337 -5.81 -5.31 15.88
CA PHE A 337 -4.99 -6.27 16.60
C PHE A 337 -3.54 -5.80 16.69
N VAL A 338 -2.83 -6.35 17.67
CA VAL A 338 -1.40 -6.12 17.83
C VAL A 338 -0.68 -7.47 17.78
N ALA A 339 0.44 -7.50 17.08
CA ALA A 339 1.35 -8.65 17.13
C ALA A 339 2.71 -8.20 17.64
N THR A 340 3.30 -9.00 18.52
CA THR A 340 4.68 -8.74 18.93
C THR A 340 5.63 -9.29 17.88
N ASN A 341 6.90 -8.88 18.00
CA ASN A 341 7.94 -9.44 17.13
C ASN A 341 7.97 -10.96 17.21
N ALA A 342 7.87 -11.50 18.43
CA ALA A 342 7.89 -12.96 18.57
C ALA A 342 6.74 -13.61 17.81
N MET A 343 5.54 -13.03 17.88
CA MET A 343 4.43 -13.60 17.13
C MET A 343 4.65 -13.50 15.64
N ALA A 344 5.16 -12.36 15.17
CA ALA A 344 5.41 -12.19 13.74
C ALA A 344 6.45 -13.18 13.23
N ARG A 345 7.51 -13.41 14.02
CA ARG A 345 8.53 -14.38 13.61
C ARG A 345 7.96 -15.79 13.53
N LYS A 346 7.14 -16.18 14.51
CA LYS A 346 6.46 -17.47 14.45
C LYS A 346 5.62 -17.58 13.19
N ALA A 347 4.90 -16.50 12.85
CA ALA A 347 4.02 -16.52 11.69
C ALA A 347 4.80 -16.64 10.39
N ARG A 348 5.95 -15.98 10.28
CA ARG A 348 6.77 -16.13 9.07
C ARG A 348 7.18 -17.57 8.89
N LYS A 349 7.62 -18.23 9.96
CA LYS A 349 8.02 -19.63 9.87
C LYS A 349 6.83 -20.51 9.52
N LEU A 350 5.67 -20.24 10.14
CA LEU A 350 4.48 -21.03 9.86
C LEU A 350 4.10 -20.96 8.39
N PHE A 351 4.12 -19.75 7.83
CA PHE A 351 3.70 -19.60 6.44
C PHE A 351 4.67 -20.30 5.49
N LYS A 352 5.98 -20.16 5.73
CA LYS A 352 6.94 -20.84 4.87
C LYS A 352 6.76 -22.36 4.94
N GLU A 353 6.56 -22.89 6.15
CA GLU A 353 6.42 -24.33 6.32
C GLU A 353 5.15 -24.86 5.64
N LEU A 354 4.02 -24.17 5.77
CA LEU A 354 2.75 -24.72 5.35
C LEU A 354 2.32 -24.26 3.96
N GLU A 355 2.84 -23.13 3.48
CA GLU A 355 2.43 -22.60 2.19
C GLU A 355 3.56 -22.49 1.18
N GLY A 356 4.81 -22.68 1.61
CA GLY A 356 5.90 -22.92 0.68
C GLY A 356 6.65 -21.71 0.17
N VAL A 357 6.54 -20.56 0.83
CA VAL A 357 7.28 -19.37 0.42
C VAL A 357 7.50 -18.50 1.65
N ASP A 358 8.60 -17.74 1.63
CA ASP A 358 8.91 -16.79 2.68
C ASP A 358 8.05 -15.54 2.53
N ILE A 359 7.73 -14.92 3.66
CA ILE A 359 6.93 -13.70 3.68
C ILE A 359 7.62 -12.65 4.53
N TYR A 360 7.25 -11.39 4.31
CA TYR A 360 7.82 -10.29 5.08
C TYR A 360 7.29 -10.30 6.51
N SER A 361 8.02 -9.60 7.38
CA SER A 361 7.55 -9.39 8.75
C SER A 361 6.19 -8.73 8.78
N ALA A 362 5.93 -7.78 7.88
CA ALA A 362 4.62 -7.13 7.88
C ALA A 362 3.51 -8.15 7.62
N SER A 363 3.71 -9.03 6.64
CA SER A 363 2.73 -10.07 6.38
C SER A 363 2.63 -11.03 7.56
N GLY A 364 3.75 -11.27 8.24
CA GLY A 364 3.70 -12.08 9.46
C GLY A 364 2.88 -11.46 10.56
N VAL A 365 2.86 -10.12 10.64
CA VAL A 365 2.01 -9.44 11.61
C VAL A 365 0.55 -9.74 11.31
N ALA A 366 0.16 -9.67 10.03
CA ALA A 366 -1.21 -9.98 9.65
C ALA A 366 -1.56 -11.43 9.98
N LEU A 367 -0.69 -12.36 9.61
CA LEU A 367 -0.95 -13.76 9.90
C LEU A 367 -1.00 -14.02 11.40
N ALA A 368 -0.11 -13.39 12.16
CA ALA A 368 -0.17 -13.54 13.62
C ALA A 368 -1.51 -13.07 14.16
N SER A 369 -2.05 -11.98 13.63
CA SER A 369 -3.35 -11.51 14.10
C SER A 369 -4.45 -12.52 13.75
N LEU A 370 -4.33 -13.20 12.61
CA LEU A 370 -5.31 -14.23 12.28
C LEU A 370 -5.19 -15.42 13.22
N VAL A 371 -3.95 -15.86 13.49
CA VAL A 371 -3.74 -16.93 14.47
C VAL A 371 -4.41 -16.57 15.78
N ASN A 372 -4.19 -15.33 16.24
CA ASN A 372 -4.73 -14.91 17.53
C ASN A 372 -6.24 -14.76 17.49
N ALA A 373 -6.79 -14.26 16.39
CA ALA A 373 -8.24 -14.11 16.31
C ALA A 373 -8.93 -15.46 16.31
N VAL A 374 -8.34 -16.44 15.62
CA VAL A 374 -8.90 -17.79 15.61
C VAL A 374 -8.85 -18.38 17.01
N ALA A 375 -7.72 -18.24 17.70
CA ALA A 375 -7.57 -18.78 19.04
C ALA A 375 -8.55 -18.15 20.02
N ALA A 376 -8.90 -16.87 19.81
CA ALA A 376 -9.85 -16.16 20.64
C ALA A 376 -11.31 -16.49 20.32
N GLY A 377 -11.55 -17.38 19.35
CA GLY A 377 -12.91 -17.72 18.99
C GLY A 377 -13.64 -16.69 18.15
N LYS A 378 -12.93 -15.76 17.52
CA LYS A 378 -13.58 -14.70 16.77
C LYS A 378 -13.98 -15.10 15.37
N ILE A 379 -13.45 -16.19 14.83
CA ILE A 379 -13.61 -16.56 13.43
C ILE A 379 -14.32 -17.90 13.36
N GLU A 380 -15.58 -17.88 12.92
CA GLU A 380 -16.31 -19.12 12.72
C GLU A 380 -15.61 -19.95 11.64
N LYS A 381 -15.62 -21.27 11.80
CA LYS A 381 -14.77 -22.09 10.95
C LYS A 381 -15.17 -22.07 9.48
N ASP A 382 -16.42 -21.74 9.17
CA ASP A 382 -16.90 -21.66 7.80
C ASP A 382 -16.80 -20.26 7.20
N ALA A 383 -16.33 -19.27 7.97
CA ALA A 383 -16.29 -17.91 7.45
C ALA A 383 -15.32 -17.81 6.28
N VAL A 384 -15.67 -16.99 5.29
CA VAL A 384 -14.77 -16.74 4.17
C VAL A 384 -13.77 -15.67 4.61
N VAL A 385 -12.50 -16.06 4.73
CA VAL A 385 -11.45 -15.20 5.24
C VAL A 385 -10.47 -14.92 4.10
N MET A 386 -10.17 -13.64 3.89
CA MET A 386 -9.13 -13.23 2.96
C MET A 386 -7.93 -12.75 3.79
N LEU A 387 -6.82 -13.44 3.65
CA LEU A 387 -5.57 -13.03 4.27
C LEU A 387 -4.71 -12.37 3.20
N ASN A 388 -4.46 -11.07 3.36
CA ASN A 388 -3.70 -10.31 2.36
C ASN A 388 -2.22 -10.40 2.73
N ILE A 389 -1.50 -11.26 2.04
CA ILE A 389 -0.05 -11.38 2.20
C ILE A 389 0.56 -10.26 1.34
N THR A 390 0.90 -9.15 2.00
CA THR A 390 1.29 -7.93 1.33
C THR A 390 2.71 -7.97 0.78
N GLY A 391 3.52 -8.95 1.19
CA GLY A 391 4.84 -9.07 0.61
C GLY A 391 5.45 -10.42 0.87
N GLY A 392 6.15 -10.96 -0.12
CA GLY A 392 6.78 -12.24 0.08
C GLY A 392 7.58 -12.66 -1.14
N GLY A 393 8.38 -13.71 -0.93
CA GLY A 393 9.21 -14.29 -1.94
C GLY A 393 10.56 -13.64 -2.12
N GLU A 394 10.90 -12.66 -1.28
CA GLU A 394 12.16 -11.94 -1.47
C GLU A 394 13.36 -12.88 -1.35
N GLU A 395 13.32 -13.81 -0.39
CA GLU A 395 14.46 -14.72 -0.24
C GLU A 395 14.64 -15.57 -1.50
N HIS A 396 13.55 -16.10 -2.03
CA HIS A 396 13.61 -16.89 -3.25
C HIS A 396 14.05 -16.03 -4.43
N PHE A 397 13.52 -14.82 -4.54
CA PHE A 397 13.84 -13.97 -5.68
C PHE A 397 15.32 -13.58 -5.68
N LYS A 398 15.87 -13.27 -4.51
CA LYS A 398 17.25 -12.79 -4.43
C LYS A 398 18.28 -13.90 -4.62
N GLU A 399 17.88 -15.16 -4.52
CA GLU A 399 18.87 -16.23 -4.55
C GLU A 399 19.61 -16.23 -5.88
N ASP A 400 20.94 -16.26 -5.81
CA ASP A 400 21.78 -16.29 -7.00
C ASP A 400 21.53 -15.09 -7.92
N LYS A 401 21.25 -13.93 -7.32
CA LYS A 401 21.16 -12.67 -8.04
C LYS A 401 22.15 -11.68 -7.43
N GLU A 402 22.81 -10.91 -8.29
CA GLU A 402 23.71 -9.85 -7.85
C GLU A 402 22.95 -8.52 -7.89
N LEU A 403 22.71 -7.96 -6.71
CA LEU A 403 21.80 -6.83 -6.58
C LEU A 403 22.54 -5.50 -6.62
N TRP A 404 21.85 -4.48 -7.10
CA TRP A 404 22.32 -3.10 -7.14
C TRP A 404 21.43 -2.28 -6.22
N TYR A 405 22.03 -1.37 -5.46
CA TYR A 405 21.29 -0.59 -4.46
C TYR A 405 21.24 0.88 -4.83
N LEU A 406 20.05 1.46 -4.73
CA LEU A 406 19.88 2.90 -4.88
C LEU A 406 20.25 3.57 -3.56
N LYS A 407 21.22 4.48 -3.62
CA LYS A 407 21.74 5.12 -2.43
C LYS A 407 21.47 6.62 -2.48
N PRO A 408 21.40 7.27 -1.32
CA PRO A 408 20.95 8.68 -1.30
C PRO A 408 21.99 9.64 -1.84
N SER A 409 21.51 10.60 -2.62
CA SER A 409 22.36 11.70 -3.07
C SER A 409 22.63 12.68 -1.94
N HIS A 410 21.71 12.78 -1.00
CA HIS A 410 21.84 13.66 0.16
C HIS A 410 21.14 13.02 1.34
N VAL A 411 21.71 13.22 2.53
CA VAL A 411 21.11 12.84 3.79
C VAL A 411 20.96 14.11 4.63
N PHE A 412 19.74 14.36 5.10
CA PHE A 412 19.42 15.63 5.75
C PHE A 412 19.10 15.43 7.23
N PRO A 413 19.36 16.44 8.07
CA PRO A 413 18.93 16.37 9.46
C PRO A 413 17.41 16.32 9.56
N LEU A 414 16.92 15.88 10.73
CA LEU A 414 15.50 15.62 10.89
C LEU A 414 14.67 16.88 10.68
N GLU A 415 15.20 18.03 11.10
CA GLU A 415 14.58 19.32 10.81
C GLU A 415 15.52 20.08 9.88
N PRO A 416 15.43 19.86 8.57
CA PRO A 416 16.43 20.42 7.66
C PRO A 416 16.12 21.85 7.29
N ASP A 417 17.13 22.51 6.76
CA ASP A 417 16.98 23.88 6.27
C ASP A 417 16.26 23.86 4.92
N THR A 418 15.17 24.63 4.83
CA THR A 418 14.34 24.60 3.63
C THR A 418 15.12 25.01 2.39
N ASP A 419 15.86 26.13 2.48
CA ASP A 419 16.56 26.61 1.29
C ASP A 419 17.59 25.59 0.82
N ASP A 420 18.24 24.93 1.77
CA ASP A 420 19.24 23.90 1.44
C ASP A 420 18.58 22.72 0.71
N VAL A 421 17.49 22.21 1.26
CA VAL A 421 16.82 21.07 0.63
C VAL A 421 16.37 21.44 -0.78
N VAL A 422 15.72 22.59 -0.93
CA VAL A 422 15.16 22.96 -2.23
C VAL A 422 16.27 23.14 -3.26
N ALA A 423 17.34 23.85 -2.89
CA ALA A 423 18.45 24.03 -3.83
C ALA A 423 19.04 22.69 -4.25
N LYS A 424 19.21 21.78 -3.28
CA LYS A 424 19.82 20.48 -3.59
C LYS A 424 18.92 19.63 -4.48
N VAL A 425 17.60 19.57 -4.19
CA VAL A 425 16.76 18.73 -5.04
C VAL A 425 16.61 19.32 -6.43
N GLU A 426 16.56 20.66 -6.53
CA GLU A 426 16.55 21.29 -7.84
C GLU A 426 17.78 20.90 -8.66
N ALA A 427 18.94 20.89 -8.01
CA ALA A 427 20.18 20.54 -8.71
C ALA A 427 20.22 19.07 -9.13
N LEU A 428 19.48 18.19 -8.44
CA LEU A 428 19.49 16.78 -8.82
C LEU A 428 18.90 16.56 -10.21
N PHE A 429 17.96 17.40 -10.62
CA PHE A 429 17.29 17.23 -11.90
C PHE A 429 17.59 18.35 -12.89
N ALA A 430 18.49 19.27 -12.53
CA ALA A 430 18.85 20.38 -13.41
C ALA A 430 19.73 19.91 -14.56
#